data_2RFR
#
_entry.id   2RFR
#
_cell.length_a   63.135
_cell.length_b   63.135
_cell.length_c   75.118
_cell.angle_alpha   90.000
_cell.angle_beta   90.000
_cell.angle_gamma   120.000
#
_symmetry.space_group_name_H-M   'P 3 2 1'
#
loop_
_entity.id
_entity.type
_entity.pdbx_description
1 polymer 'Uncharacterized protein'
2 water water
#
_entity_poly.entity_id   1
_entity_poly.type   'polypeptide(L)'
_entity_poly.pdbx_seq_one_letter_code
;G(MSE)DDLTNLAARLRLLEDREEIRELIARYGPLADSGDAEALSELWVEDGEYAVVGFATAKGRAAIAALIDGQTHRAL
(MSE)ADGCAHFLGPATVTVEGDTATARCHSVVFRCVSGTFGSHRVSANRWTFRRTPAGWRAVRRENALLDGSAAARALL
QFR
;
_entity_poly.pdbx_strand_id   A
#
# COMPACT_ATOMS: atom_id res chain seq x y z
N GLY A 1 12.15 21.06 -27.19
CA GLY A 1 12.76 22.23 -26.54
C GLY A 1 12.24 22.33 -25.12
N MSE A 2 13.11 22.67 -24.18
CA MSE A 2 12.66 22.85 -22.81
C MSE A 2 11.58 23.95 -22.80
O MSE A 2 11.69 25.00 -23.44
CB MSE A 2 13.84 23.22 -21.91
CG MSE A 2 13.49 23.49 -20.48
SE MSE A 2 12.97 21.87 -19.53
CE MSE A 2 13.98 20.50 -20.52
N ASP A 3 10.52 23.66 -22.07
CA ASP A 3 9.38 24.53 -21.82
C ASP A 3 8.47 24.69 -23.01
N ASP A 4 8.68 23.92 -24.09
CA ASP A 4 7.68 23.92 -25.14
C ASP A 4 6.44 23.08 -24.79
N LEU A 5 5.39 23.14 -25.62
CA LEU A 5 4.13 22.54 -25.25
C LEU A 5 4.30 21.02 -25.02
N THR A 6 5.03 20.34 -25.91
CA THR A 6 5.19 18.91 -25.77
C THR A 6 5.97 18.55 -24.50
N ASN A 7 6.97 19.35 -24.19
CA ASN A 7 7.78 19.16 -22.97
C ASN A 7 6.94 19.39 -21.74
N LEU A 8 6.11 20.42 -21.72
CA LEU A 8 5.25 20.66 -20.56
C LEU A 8 4.29 19.51 -20.39
N ALA A 9 3.73 19.01 -21.46
CA ALA A 9 2.79 17.90 -21.34
C ALA A 9 3.46 16.66 -20.74
N ALA A 10 4.69 16.36 -21.14
CA ALA A 10 5.41 15.20 -20.62
C ALA A 10 5.70 15.39 -19.13
N ARG A 11 6.16 16.59 -18.76
CA ARG A 11 6.49 16.87 -17.38
C ARG A 11 5.23 16.85 -16.50
N LEU A 12 4.12 17.37 -17.00
CA LEU A 12 2.87 17.34 -16.28
C LEU A 12 2.41 15.91 -16.08
N ARG A 13 2.51 15.08 -17.10
CA ARG A 13 2.11 13.69 -16.99
C ARG A 13 2.87 12.97 -15.89
N LEU A 14 4.15 13.26 -15.78
N LEU A 14 4.17 13.22 -15.78
CA LEU A 14 4.97 12.66 -14.74
CA LEU A 14 4.93 12.59 -14.69
C LEU A 14 4.48 13.06 -13.36
C LEU A 14 4.44 13.04 -13.33
N LEU A 15 4.17 14.33 -13.16
CA LEU A 15 3.60 14.80 -11.89
C LEU A 15 2.28 14.12 -11.63
N GLU A 16 1.45 14.00 -12.65
CA GLU A 16 0.17 13.32 -12.49
C GLU A 16 0.34 11.86 -12.09
N ASP A 17 1.29 11.20 -12.70
CA ASP A 17 1.58 9.79 -12.40
C ASP A 17 1.95 9.67 -10.92
N ARG A 18 2.86 10.51 -10.44
CA ARG A 18 3.32 10.44 -9.08
C ARG A 18 2.20 10.74 -8.12
N GLU A 19 1.35 11.71 -8.44
N GLU A 19 1.36 11.72 -8.43
CA GLU A 19 0.27 12.07 -7.55
CA GLU A 19 0.23 12.06 -7.61
C GLU A 19 -0.77 10.94 -7.51
C GLU A 19 -0.71 10.88 -7.50
N GLU A 20 -1.02 10.27 -8.63
CA GLU A 20 -1.95 9.13 -8.66
C GLU A 20 -1.45 7.99 -7.83
N ILE A 21 -0.18 7.71 -7.93
CA ILE A 21 0.42 6.60 -7.17
C ILE A 21 0.34 6.95 -5.66
N ARG A 22 0.68 8.17 -5.28
CA ARG A 22 0.57 8.57 -3.88
C ARG A 22 -0.85 8.48 -3.37
N GLU A 23 -1.83 8.84 -4.21
CA GLU A 23 -3.23 8.74 -3.84
C GLU A 23 -3.65 7.30 -3.64
N LEU A 24 -3.19 6.34 -4.44
CA LEU A 24 -3.48 4.92 -4.18
C LEU A 24 -3.01 4.52 -2.81
N ILE A 25 -1.77 4.84 -2.50
CA ILE A 25 -1.20 4.46 -1.24
C ILE A 25 -1.94 5.13 -0.07
N ALA A 26 -2.31 6.39 -0.21
CA ALA A 26 -3.02 7.14 0.84
C ALA A 26 -4.44 6.61 1.03
N ARG A 27 -5.05 5.97 0.02
CA ARG A 27 -6.36 5.41 0.19
C ARG A 27 -6.38 4.07 0.91
N TYR A 28 -5.26 3.34 0.94
CA TYR A 28 -5.26 2.03 1.51
C TYR A 28 -5.78 2.05 2.94
N GLY A 29 -5.19 2.87 3.78
CA GLY A 29 -5.49 2.82 5.20
C GLY A 29 -6.95 3.20 5.50
N PRO A 30 -7.45 4.31 4.95
CA PRO A 30 -8.88 4.65 5.12
C PRO A 30 -9.78 3.53 4.66
N LEU A 31 -9.48 2.90 3.54
CA LEU A 31 -10.35 1.79 3.07
C LEU A 31 -10.27 0.61 3.98
N ALA A 32 -9.09 0.30 4.47
CA ALA A 32 -8.93 -0.84 5.39
C ALA A 32 -9.64 -0.58 6.68
N ASP A 33 -9.49 0.61 7.22
CA ASP A 33 -10.03 0.95 8.55
C ASP A 33 -11.56 1.07 8.53
N SER A 34 -12.14 1.39 7.36
CA SER A 34 -13.60 1.43 7.21
C SER A 34 -14.16 0.11 6.75
N GLY A 35 -13.32 -0.88 6.51
CA GLY A 35 -13.80 -2.18 6.07
C GLY A 35 -14.27 -2.27 4.65
N ASP A 36 -13.80 -1.38 3.80
CA ASP A 36 -14.29 -1.36 2.41
C ASP A 36 -13.42 -2.31 1.58
N ALA A 37 -13.66 -3.59 1.78
CA ALA A 37 -12.82 -4.63 1.21
C ALA A 37 -12.76 -4.61 -0.31
N GLU A 38 -13.92 -4.43 -0.94
CA GLU A 38 -13.95 -4.39 -2.39
C GLU A 38 -13.12 -3.25 -2.95
N ALA A 39 -13.37 -2.03 -2.49
CA ALA A 39 -12.62 -0.90 -3.00
C ALA A 39 -11.15 -1.00 -2.72
N LEU A 40 -10.81 -1.52 -1.55
CA LEU A 40 -9.39 -1.72 -1.23
C LEU A 40 -8.72 -2.69 -2.22
N SER A 41 -9.40 -3.79 -2.53
CA SER A 41 -8.86 -4.75 -3.47
C SER A 41 -8.70 -4.16 -4.86
N GLU A 42 -9.56 -3.21 -5.22
CA GLU A 42 -9.51 -2.54 -6.51
C GLU A 42 -8.43 -1.51 -6.63
N LEU A 43 -7.66 -1.25 -5.58
CA LEU A 43 -6.40 -0.54 -5.74
C LEU A 43 -5.37 -1.33 -6.55
N TRP A 44 -5.51 -2.66 -6.56
CA TRP A 44 -4.67 -3.56 -7.30
C TRP A 44 -5.26 -3.95 -8.63
N VAL A 45 -4.36 -4.36 -9.53
CA VAL A 45 -4.74 -5.11 -10.74
C VAL A 45 -5.44 -6.39 -10.31
N GLU A 46 -6.17 -6.99 -11.25
N GLU A 46 -6.15 -6.99 -11.28
CA GLU A 46 -6.99 -8.16 -10.91
CA GLU A 46 -7.00 -8.14 -10.96
C GLU A 46 -6.22 -9.28 -10.25
C GLU A 46 -6.25 -9.32 -10.32
N ASP A 47 -5.04 -9.56 -10.79
CA ASP A 47 -4.18 -10.61 -10.25
C ASP A 47 -3.05 -10.08 -9.36
N GLY A 48 -3.33 -8.96 -8.70
CA GLY A 48 -2.37 -8.34 -7.80
C GLY A 48 -2.08 -9.19 -6.58
N GLU A 49 -0.95 -8.89 -5.92
CA GLU A 49 -0.55 -9.68 -4.75
C GLU A 49 -0.22 -8.77 -3.58
N TYR A 50 -0.45 -9.31 -2.40
CA TYR A 50 -0.06 -8.68 -1.15
C TYR A 50 0.61 -9.75 -0.30
N ALA A 51 1.92 -9.60 -0.12
CA ALA A 51 2.79 -10.53 0.59
C ALA A 51 3.29 -9.90 1.87
N VAL A 52 3.24 -10.67 2.93
CA VAL A 52 3.74 -10.28 4.25
C VAL A 52 4.58 -11.45 4.73
N VAL A 53 5.80 -11.16 5.22
CA VAL A 53 6.67 -12.23 5.69
C VAL A 53 5.93 -13.09 6.71
N GLY A 54 5.96 -14.39 6.52
CA GLY A 54 5.34 -15.31 7.48
C GLY A 54 3.84 -15.44 7.32
N PHE A 55 3.27 -14.93 6.24
CA PHE A 55 1.85 -15.09 5.94
C PHE A 55 1.69 -15.69 4.60
N ALA A 56 0.57 -16.35 4.38
CA ALA A 56 0.19 -16.72 3.02
C ALA A 56 0.06 -15.46 2.18
N THR A 57 0.54 -15.50 0.96
CA THR A 57 0.34 -14.37 0.05
C THR A 57 -1.07 -14.33 -0.43
N ALA A 58 -1.70 -13.15 -0.42
CA ALA A 58 -3.00 -12.94 -1.01
C ALA A 58 -2.80 -12.63 -2.47
N LYS A 59 -3.31 -13.51 -3.33
N LYS A 59 -3.29 -13.50 -3.36
CA LYS A 59 -3.19 -13.39 -4.78
CA LYS A 59 -3.16 -13.28 -4.80
C LYS A 59 -4.56 -13.21 -5.43
C LYS A 59 -4.52 -13.19 -5.44
N GLY A 60 -4.74 -12.08 -6.11
CA GLY A 60 -5.97 -11.74 -6.74
C GLY A 60 -6.88 -10.90 -5.86
N ARG A 61 -7.76 -10.14 -6.50
CA ARG A 61 -8.58 -9.20 -5.79
C ARG A 61 -9.44 -9.90 -4.73
N ALA A 62 -10.00 -11.08 -5.04
CA ALA A 62 -10.87 -11.73 -4.07
C ALA A 62 -10.10 -12.03 -2.80
N ALA A 63 -8.86 -12.50 -2.91
CA ALA A 63 -8.05 -12.86 -1.78
C ALA A 63 -7.67 -11.61 -0.95
N ILE A 64 -7.37 -10.52 -1.66
CA ILE A 64 -7.01 -9.28 -0.99
C ILE A 64 -8.23 -8.77 -0.25
N ALA A 65 -9.41 -8.75 -0.87
CA ALA A 65 -10.66 -8.36 -0.18
C ALA A 65 -10.91 -9.24 1.04
N ALA A 66 -10.62 -10.55 0.93
CA ALA A 66 -10.87 -11.49 1.99
C ALA A 66 -9.99 -11.16 3.22
N LEU A 67 -8.82 -10.50 3.08
CA LEU A 67 -8.03 -10.07 4.21
C LEU A 67 -8.87 -9.07 5.04
N ILE A 68 -9.56 -8.13 4.38
CA ILE A 68 -10.33 -7.07 5.08
C ILE A 68 -11.62 -7.61 5.65
N ASP A 69 -12.22 -8.55 4.95
CA ASP A 69 -13.41 -9.22 5.45
C ASP A 69 -13.14 -10.29 6.48
N GLY A 70 -11.87 -10.63 6.69
CA GLY A 70 -11.47 -11.69 7.57
C GLY A 70 -11.65 -11.41 9.02
N GLN A 71 -11.55 -12.49 9.76
N GLN A 71 -11.80 -12.49 9.80
CA GLN A 71 -11.81 -12.48 11.15
CA GLN A 71 -11.99 -12.40 11.24
C GLN A 71 -10.79 -11.66 11.93
C GLN A 71 -11.06 -11.46 11.94
N THR A 72 -9.51 -11.75 11.60
N THR A 72 -9.76 -11.66 11.69
CA THR A 72 -8.50 -11.04 12.33
CA THR A 72 -8.74 -10.95 12.45
C THR A 72 -8.69 -9.51 12.11
C THR A 72 -8.73 -9.46 12.13
N HIS A 73 -8.88 -9.09 10.86
CA HIS A 73 -8.96 -7.67 10.56
C HIS A 73 -10.24 -7.09 11.19
N ARG A 74 -11.34 -7.83 11.10
CA ARG A 74 -12.59 -7.32 11.67
C ARG A 74 -12.46 -7.15 13.20
N ALA A 75 -11.73 -8.03 13.86
CA ALA A 75 -11.52 -7.91 15.30
C ALA A 75 -10.67 -6.70 15.60
N LEU A 76 -9.71 -6.43 14.77
N LEU A 76 -9.64 -6.42 14.80
CA LEU A 76 -8.87 -5.27 14.93
CA LEU A 76 -8.85 -5.18 14.97
C LEU A 76 -9.68 -3.96 14.78
C LEU A 76 -9.71 -3.94 14.80
N MSE A 77 -10.58 -3.95 13.80
CA MSE A 77 -11.50 -2.83 13.60
C MSE A 77 -12.38 -2.64 14.84
O MSE A 77 -12.64 -1.51 15.23
CB MSE A 77 -12.38 -3.04 12.38
CG MSE A 77 -11.67 -2.97 11.03
SE MSE A 77 -12.81 -3.47 9.56
CE MSE A 77 -14.20 -2.12 9.80
N ALA A 78 -12.86 -3.74 15.43
CA ALA A 78 -13.70 -3.63 16.64
C ALA A 78 -12.93 -3.10 17.83
N ASP A 79 -11.66 -3.46 17.96
CA ASP A 79 -10.82 -2.87 18.98
C ASP A 79 -10.62 -1.36 18.78
N GLY A 80 -10.51 -1.00 17.52
CA GLY A 80 -10.06 0.32 17.10
C GLY A 80 -8.66 0.25 16.56
N CYS A 81 -8.54 0.57 15.27
CA CYS A 81 -7.25 0.51 14.61
C CYS A 81 -7.08 1.61 13.59
N ALA A 82 -5.85 1.96 13.36
CA ALA A 82 -5.45 2.84 12.26
C ALA A 82 -4.33 2.20 11.51
N HIS A 83 -4.50 2.06 10.21
CA HIS A 83 -3.45 1.60 9.28
C HIS A 83 -2.84 2.84 8.71
N PHE A 84 -1.78 3.28 9.39
N PHE A 84 -1.70 3.20 9.28
CA PHE A 84 -1.15 4.56 9.13
CA PHE A 84 -1.13 4.53 9.16
C PHE A 84 0.07 4.36 8.26
C PHE A 84 0.11 4.48 8.29
N LEU A 85 -0.06 4.74 6.99
CA LEU A 85 1.05 4.65 6.01
C LEU A 85 1.65 6.02 5.90
N GLY A 86 2.97 6.08 5.98
CA GLY A 86 3.65 7.35 5.90
C GLY A 86 3.83 7.80 4.45
N PRO A 87 4.39 8.98 4.28
CA PRO A 87 4.75 9.47 2.95
C PRO A 87 5.65 8.50 2.24
N ALA A 88 5.39 8.30 0.99
CA ALA A 88 6.16 7.35 0.16
C ALA A 88 7.18 8.06 -0.69
N THR A 89 8.31 7.39 -0.90
CA THR A 89 9.19 7.71 -2.04
C THR A 89 8.69 6.98 -3.23
N VAL A 90 8.64 7.63 -4.39
CA VAL A 90 8.07 7.06 -5.61
C VAL A 90 9.07 7.23 -6.73
N THR A 91 9.28 6.17 -7.50
CA THR A 91 10.06 6.22 -8.75
C THR A 91 9.20 5.68 -9.89
N VAL A 92 8.97 6.50 -10.91
CA VAL A 92 8.27 6.12 -12.11
C VAL A 92 9.25 5.82 -13.22
N GLU A 93 9.05 4.71 -13.90
CA GLU A 93 9.82 4.31 -15.06
C GLU A 93 8.84 3.90 -16.16
N GLY A 94 8.49 4.83 -17.01
CA GLY A 94 7.58 4.53 -18.09
C GLY A 94 6.18 4.25 -17.64
N ASP A 95 5.78 2.98 -17.77
CA ASP A 95 4.44 2.52 -17.40
C ASP A 95 4.47 1.69 -16.12
N THR A 96 5.60 1.67 -15.43
CA THR A 96 5.71 0.99 -14.12
C THR A 96 6.22 1.99 -13.09
N ALA A 97 6.10 1.62 -11.83
CA ALA A 97 6.61 2.44 -10.75
C ALA A 97 6.82 1.56 -9.53
N THR A 98 7.64 2.09 -8.64
N THR A 98 7.64 2.12 -8.64
CA THR A 98 7.78 1.51 -7.31
CA THR A 98 7.95 1.51 -7.33
C THR A 98 7.68 2.58 -6.27
C THR A 98 7.83 2.55 -6.24
N ALA A 99 7.31 2.17 -5.07
CA ALA A 99 7.25 3.09 -3.94
C ALA A 99 7.73 2.35 -2.73
N ARG A 100 8.28 3.09 -1.78
N ARG A 100 8.29 3.07 -1.78
CA ARG A 100 8.65 2.61 -0.46
CA ARG A 100 8.64 2.55 -0.47
C ARG A 100 8.01 3.50 0.58
C ARG A 100 8.09 3.47 0.59
N CYS A 101 7.59 2.90 1.68
CA CYS A 101 7.03 3.67 2.78
C CYS A 101 7.09 2.78 4.04
N HIS A 102 6.84 3.46 5.13
CA HIS A 102 6.63 2.79 6.41
C HIS A 102 5.16 2.67 6.65
N SER A 103 4.75 1.69 7.45
CA SER A 103 3.38 1.62 7.97
C SER A 103 3.38 1.25 9.43
N VAL A 104 2.47 1.84 10.16
CA VAL A 104 2.24 1.52 11.55
C VAL A 104 0.77 1.16 11.69
N VAL A 105 0.52 0.05 12.34
CA VAL A 105 -0.83 -0.29 12.75
C VAL A 105 -0.98 0.12 14.19
N PHE A 106 -1.76 1.17 14.44
CA PHE A 106 -2.13 1.56 15.78
C PHE A 106 -3.34 0.75 16.23
N ARG A 107 -3.36 0.30 17.48
CA ARG A 107 -4.44 -0.47 18.01
C ARG A 107 -4.80 0.08 19.38
N CYS A 108 -6.11 0.18 19.64
CA CYS A 108 -6.61 0.53 20.96
C CYS A 108 -6.76 -0.71 21.78
N VAL A 109 -6.10 -0.77 22.94
CA VAL A 109 -6.19 -1.88 23.89
C VAL A 109 -6.50 -1.30 25.24
N SER A 110 -7.57 -1.76 25.84
CA SER A 110 -7.92 -1.33 27.20
C SER A 110 -7.95 0.20 27.32
N GLY A 111 -8.50 0.87 26.32
CA GLY A 111 -8.72 2.32 26.36
C GLY A 111 -7.50 3.15 26.16
N THR A 112 -6.35 2.54 25.77
CA THR A 112 -5.18 3.32 25.42
C THR A 112 -4.67 2.82 24.07
N PHE A 113 -3.80 3.60 23.45
CA PHE A 113 -3.38 3.37 22.08
C PHE A 113 -1.93 2.94 22.09
N GLY A 114 -1.58 2.03 21.19
CA GLY A 114 -0.23 1.54 21.00
C GLY A 114 0.01 1.20 19.54
N SER A 115 1.26 0.82 19.32
N SER A 115 1.30 1.00 19.25
CA SER A 115 1.78 0.47 18.00
CA SER A 115 1.76 0.57 17.92
C SER A 115 1.85 -1.03 17.91
C SER A 115 1.87 -0.97 17.84
N HIS A 116 0.85 -1.61 17.26
CA HIS A 116 0.70 -3.07 17.14
C HIS A 116 1.72 -3.69 16.21
N ARG A 117 1.95 -3.02 15.06
N ARG A 117 1.95 -3.02 15.06
CA ARG A 117 2.99 -3.45 14.11
CA ARG A 117 2.98 -3.43 14.11
C ARG A 117 3.63 -2.16 13.58
C ARG A 117 3.63 -2.14 13.61
N VAL A 118 4.92 -2.23 13.29
CA VAL A 118 5.70 -1.19 12.59
C VAL A 118 6.44 -1.92 11.49
N SER A 119 6.25 -1.47 10.24
CA SER A 119 6.66 -2.24 9.07
C SER A 119 7.25 -1.39 7.99
N ALA A 120 8.08 -2.05 7.18
CA ALA A 120 8.49 -1.55 5.87
C ALA A 120 7.57 -2.04 4.81
N ASN A 121 7.41 -1.25 3.74
N ASN A 121 7.41 -1.24 3.75
CA ASN A 121 6.64 -1.69 2.59
CA ASN A 121 6.57 -1.57 2.60
C ASN A 121 7.35 -1.30 1.32
C ASN A 121 7.36 -1.29 1.32
N ARG A 122 7.29 -2.20 0.35
CA ARG A 122 7.64 -1.93 -1.02
C ARG A 122 6.47 -2.26 -1.90
N TRP A 123 6.09 -1.30 -2.74
CA TRP A 123 4.94 -1.43 -3.65
C TRP A 123 5.44 -1.30 -5.07
N THR A 124 4.85 -2.06 -5.97
CA THR A 124 5.01 -1.88 -7.40
C THR A 124 3.67 -1.56 -8.01
N PHE A 125 3.72 -0.83 -9.13
CA PHE A 125 2.51 -0.33 -9.80
C PHE A 125 2.68 -0.46 -11.29
N ARG A 126 1.55 -0.43 -11.98
CA ARG A 126 1.58 -0.28 -13.43
C ARG A 126 0.46 0.57 -13.91
N ARG A 127 0.71 1.19 -15.06
CA ARG A 127 -0.29 2.03 -15.69
C ARG A 127 -1.25 1.11 -16.40
N THR A 128 -2.51 1.21 -16.15
CA THR A 128 -3.53 0.43 -16.85
C THR A 128 -4.38 1.40 -17.60
N PRO A 129 -5.25 0.89 -18.49
CA PRO A 129 -6.16 1.81 -19.18
C PRO A 129 -7.07 2.62 -18.28
N ALA A 130 -7.32 2.15 -17.06
CA ALA A 130 -8.19 2.83 -16.11
C ALA A 130 -7.36 3.62 -15.07
N GLY A 131 -6.05 3.73 -15.27
CA GLY A 131 -5.19 4.46 -14.33
C GLY A 131 -4.15 3.57 -13.68
N TRP A 132 -3.33 4.17 -12.86
CA TRP A 132 -2.35 3.41 -12.12
C TRP A 132 -3.04 2.48 -11.14
N ARG A 133 -2.47 1.27 -11.03
CA ARG A 133 -2.92 0.28 -10.05
C ARG A 133 -1.72 -0.44 -9.45
N ALA A 134 -1.87 -0.90 -8.21
CA ALA A 134 -0.85 -1.69 -7.58
C ALA A 134 -0.73 -3.06 -8.22
N VAL A 135 0.49 -3.56 -8.32
CA VAL A 135 0.78 -4.91 -8.81
C VAL A 135 1.13 -5.81 -7.65
N ARG A 136 2.13 -5.45 -6.85
CA ARG A 136 2.55 -6.22 -5.70
C ARG A 136 2.86 -5.27 -4.56
N ARG A 137 2.43 -5.65 -3.34
CA ARG A 137 2.88 -4.98 -2.13
C ARG A 137 3.54 -6.06 -1.29
N GLU A 138 4.70 -5.71 -0.72
CA GLU A 138 5.41 -6.58 0.20
C GLU A 138 5.64 -5.78 1.48
N ASN A 139 5.50 -6.47 2.60
N ASN A 139 5.30 -6.40 2.61
CA ASN A 139 5.55 -5.85 3.90
CA ASN A 139 5.56 -5.84 3.92
C ASN A 139 6.28 -6.78 4.87
C ASN A 139 6.38 -6.77 4.80
N ALA A 140 7.06 -6.20 5.79
CA ALA A 140 7.78 -6.98 6.80
C ALA A 140 7.95 -6.08 8.03
N LEU A 141 7.99 -6.69 9.20
CA LEU A 141 8.14 -5.93 10.44
C LEU A 141 9.55 -5.37 10.58
N LEU A 142 9.63 -4.13 11.09
CA LEU A 142 10.89 -3.53 11.46
C LEU A 142 11.20 -3.88 12.96
N ASP A 143 11.46 -5.18 13.12
CA ASP A 143 11.72 -5.84 14.38
C ASP A 143 13.12 -6.39 14.40
N GLY A 144 13.96 -5.91 13.49
CA GLY A 144 15.32 -6.44 13.30
C GLY A 144 15.41 -7.41 12.12
N SER A 145 14.29 -7.85 11.58
CA SER A 145 14.29 -8.73 10.39
C SER A 145 15.04 -8.11 9.27
N ALA A 146 15.72 -9.00 8.53
CA ALA A 146 16.44 -8.59 7.33
C ALA A 146 15.52 -8.13 6.24
N ALA A 147 14.37 -8.76 6.09
CA ALA A 147 13.48 -8.47 4.95
C ALA A 147 13.00 -7.03 5.02
N ALA A 148 12.72 -6.50 6.22
CA ALA A 148 12.17 -5.17 6.27
C ALA A 148 13.20 -4.17 5.76
N ARG A 149 14.46 -4.32 6.18
CA ARG A 149 15.49 -3.43 5.67
C ARG A 149 15.65 -3.51 4.18
N ALA A 150 15.58 -4.72 3.62
CA ALA A 150 15.68 -4.89 2.17
C ALA A 150 14.56 -4.28 1.40
N LEU A 151 13.34 -4.27 1.95
CA LEU A 151 12.23 -3.63 1.31
C LEU A 151 12.46 -2.14 1.14
N LEU A 152 13.12 -1.50 2.09
CA LEU A 152 13.38 -0.07 2.06
C LEU A 152 14.53 0.33 1.19
N GLN A 153 15.40 -0.61 0.92
CA GLN A 153 16.66 -0.21 0.35
C GLN A 153 16.45 0.18 -1.09
N PHE A 154 17.29 1.09 -1.55
CA PHE A 154 17.30 1.47 -2.98
C PHE A 154 18.33 0.62 -3.72
#